data_3RKW
#
_entry.id   3RKW
#
_cell.length_a   94.598
_cell.length_b   94.598
_cell.length_c   130.626
_cell.angle_alpha   90.00
_cell.angle_beta   90.00
_cell.angle_gamma   90.00
#
_symmetry.space_group_name_H-M   'P 42 21 2'
#
loop_
_entity.id
_entity.type
_entity.pdbx_description
1 polymer 'Biotin-[acetyl-CoA-carboxylase] ligase'
2 non-polymer BIOTINYL-5-AMP
3 water water
#
_entity_poly.entity_id   1
_entity_poly.type   'polypeptide(L)'
_entity_poly.pdbx_seq_one_letter_code
;MSKYSQDVLQLLYKNKPNYISGQSIAESLNISRTAVKKVIDQLKLEGCKIDSVNHKGHLLQQLPDIWYQGIIDQYTKSSA
LFDFSEVYDSIDSTQLAAKKSLVGNQSSFFILSDEQTKGRGRFNRHWSSSKGQGLWMSVVLRPNVAFSMISKFNLFIALG
IRDAIQHFSQDEVKVKWPNDIYIDNGKVCGFLTEMVANNDGIEAIICGIGINLTQQLENFDESIRHRATSIQLHDKNKLD
RYQFLERLLQEIEKRYNQFLTLPFSEIREEYNAASNIWNRTLLFTENDKQFKGQAIDLDYDGYLIVRDEAGESHRLISAD
IDF
;
_entity_poly.pdbx_strand_id   A
#
loop_
_chem_comp.id
_chem_comp.type
_chem_comp.name
_chem_comp.formula
BT5 RNA linking BIOTINYL-5-AMP 'C20 H28 N7 O9 P S'
#
# COMPACT_ATOMS: atom_id res chain seq x y z
N SER A 2 7.51 -25.80 -4.38
CA SER A 2 7.17 -26.73 -5.42
C SER A 2 5.83 -26.30 -5.96
N LYS A 3 5.37 -27.01 -6.96
CA LYS A 3 4.11 -26.79 -7.67
C LYS A 3 2.96 -26.57 -6.70
N TYR A 4 3.03 -27.24 -5.56
CA TYR A 4 1.86 -27.38 -4.70
C TYR A 4 2.02 -26.54 -3.42
N SER A 5 3.21 -25.98 -3.24
CA SER A 5 3.42 -25.04 -2.14
C SER A 5 2.30 -23.98 -1.92
N GLN A 6 1.88 -23.21 -2.92
CA GLN A 6 0.81 -22.23 -2.69
C GLN A 6 -0.51 -22.89 -2.32
N ASP A 7 -0.86 -23.96 -3.01
CA ASP A 7 -2.10 -24.66 -2.69
C ASP A 7 -2.15 -25.16 -1.28
N VAL A 8 -1.05 -25.66 -0.75
CA VAL A 8 -1.06 -26.18 0.61
C VAL A 8 -1.29 -24.99 1.52
N LEU A 9 -0.62 -23.88 1.21
CA LEU A 9 -0.73 -22.67 2.02
C LEU A 9 -2.13 -22.18 2.04
N GLN A 10 -2.73 -22.13 0.86
CA GLN A 10 -4.10 -21.66 0.73
C GLN A 10 -5.02 -22.47 1.64
N LEU A 11 -4.82 -23.78 1.70
CA LEU A 11 -5.72 -24.60 2.49
C LEU A 11 -5.52 -24.43 4.00
N LEU A 12 -4.27 -24.30 4.40
CA LEU A 12 -3.90 -23.97 5.74
C LEU A 12 -4.50 -22.66 6.22
N TYR A 13 -4.39 -21.59 5.43
CA TYR A 13 -4.87 -20.26 5.81
C TYR A 13 -6.37 -20.28 6.03
N LYS A 14 -7.01 -20.90 5.09
CA LYS A 14 -8.42 -21.08 5.06
C LYS A 14 -8.98 -21.95 6.15
N ASN A 15 -8.24 -22.94 6.67
CA ASN A 15 -8.89 -23.86 7.58
C ASN A 15 -8.79 -23.39 9.02
N LYS A 16 -8.12 -22.26 9.23
CA LYS A 16 -8.15 -21.59 10.50
C LYS A 16 -9.54 -21.27 11.12
N PRO A 17 -9.59 -21.21 12.46
CA PRO A 17 -8.45 -21.53 13.35
C PRO A 17 -8.31 -23.05 13.63
N ASN A 18 -8.92 -23.86 12.78
CA ASN A 18 -8.81 -25.30 12.89
C ASN A 18 -7.50 -25.90 12.32
N TYR A 19 -7.21 -27.12 12.72
CA TYR A 19 -6.08 -27.85 12.21
C TYR A 19 -6.53 -28.69 11.03
N ILE A 20 -5.76 -28.67 9.95
CA ILE A 20 -6.05 -29.59 8.87
C ILE A 20 -5.00 -30.75 8.80
N SER A 21 -5.44 -31.98 8.64
CA SER A 21 -4.52 -33.14 8.50
C SER A 21 -3.76 -33.28 7.17
N GLY A 22 -2.59 -33.93 7.24
CA GLY A 22 -1.79 -34.31 6.09
C GLY A 22 -2.66 -35.02 5.06
N GLN A 23 -3.49 -35.88 5.59
CA GLN A 23 -4.36 -36.75 4.87
C GLN A 23 -5.25 -35.90 4.07
N SER A 24 -5.89 -34.98 4.74
CA SER A 24 -6.97 -34.27 4.10
C SER A 24 -6.41 -33.34 3.01
N ILE A 25 -5.19 -32.87 3.22
CA ILE A 25 -4.54 -31.97 2.29
C ILE A 25 -4.19 -32.81 1.06
N ALA A 26 -3.76 -34.04 1.31
CA ALA A 26 -3.36 -34.94 0.24
C ALA A 26 -4.56 -35.25 -0.61
N GLU A 27 -5.73 -35.49 -0.01
CA GLU A 27 -6.92 -35.76 -0.81
C GLU A 27 -7.30 -34.57 -1.63
N SER A 28 -7.29 -33.38 -1.03
CA SER A 28 -7.71 -32.17 -1.72
C SER A 28 -6.92 -31.96 -3.02
N LEU A 29 -5.62 -32.14 -2.94
CA LEU A 29 -4.75 -31.80 -4.02
C LEU A 29 -4.41 -33.06 -4.85
N ASN A 30 -4.90 -34.22 -4.42
CA ASN A 30 -4.55 -35.46 -5.07
C ASN A 30 -3.03 -35.69 -5.12
N ILE A 31 -2.36 -35.62 -3.99
CA ILE A 31 -0.95 -35.91 -3.96
C ILE A 31 -0.66 -36.80 -2.77
N SER A 32 0.55 -37.33 -2.69
CA SER A 32 0.86 -38.20 -1.59
C SER A 32 1.01 -37.42 -0.27
N ARG A 33 0.56 -38.09 0.79
CA ARG A 33 0.80 -37.70 2.16
C ARG A 33 2.25 -37.28 2.33
N THR A 34 3.13 -37.88 1.57
CA THR A 34 4.53 -37.70 1.85
C THR A 34 5.03 -36.49 1.08
N ALA A 35 4.44 -36.22 -0.07
CA ALA A 35 4.75 -34.96 -0.76
C ALA A 35 4.16 -33.79 0.03
N VAL A 36 3.05 -34.04 0.73
CA VAL A 36 2.49 -33.03 1.59
C VAL A 36 3.46 -32.70 2.74
N LYS A 37 4.07 -33.71 3.40
CA LYS A 37 5.09 -33.43 4.43
C LYS A 37 6.31 -32.69 3.86
N LYS A 38 6.71 -32.98 2.63
CA LYS A 38 7.82 -32.22 2.11
C LYS A 38 7.41 -30.79 1.99
N VAL A 39 6.21 -30.54 1.44
CA VAL A 39 5.80 -29.16 1.25
C VAL A 39 5.82 -28.46 2.61
N ILE A 40 5.24 -29.10 3.63
CA ILE A 40 5.14 -28.49 4.93
C ILE A 40 6.53 -28.27 5.56
N ASP A 41 7.46 -29.21 5.44
CA ASP A 41 8.85 -28.94 5.80
C ASP A 41 9.40 -27.73 5.06
N GLN A 42 9.25 -27.64 3.73
CA GLN A 42 9.73 -26.45 3.03
C GLN A 42 9.24 -25.15 3.69
N LEU A 43 7.93 -24.99 3.77
CA LEU A 43 7.31 -23.84 4.43
C LEU A 43 7.86 -23.55 5.85
N LYS A 44 8.10 -24.59 6.64
CA LYS A 44 8.50 -24.34 8.02
C LYS A 44 9.85 -23.62 7.94
N LEU A 45 10.60 -24.00 6.93
CA LEU A 45 11.95 -23.54 6.76
C LEU A 45 12.08 -22.10 6.20
N GLU A 46 11.14 -21.64 5.39
CA GLU A 46 11.09 -20.24 5.03
C GLU A 46 10.38 -19.39 6.06
N GLY A 47 9.99 -20.00 7.18
CA GLY A 47 9.58 -19.21 8.33
C GLY A 47 8.09 -19.19 8.51
N CYS A 48 7.40 -20.07 7.80
CA CYS A 48 6.03 -20.32 8.22
C CYS A 48 6.10 -21.00 9.56
N LYS A 49 5.25 -20.56 10.47
CA LYS A 49 5.14 -21.11 11.80
C LYS A 49 3.82 -21.87 11.80
N ILE A 50 3.99 -23.20 11.87
CA ILE A 50 2.91 -24.14 11.67
C ILE A 50 2.93 -25.19 12.79
N ASP A 51 1.83 -25.30 13.51
CA ASP A 51 1.79 -26.24 14.57
C ASP A 51 1.38 -27.62 14.01
N SER A 52 2.23 -28.62 14.23
CA SER A 52 1.85 -29.98 13.80
C SER A 52 1.66 -30.86 15.02
N VAL A 53 0.50 -31.49 15.08
CA VAL A 53 0.06 -32.21 16.26
C VAL A 53 -0.45 -33.53 15.76
N ASN A 54 0.10 -34.59 16.29
CA ASN A 54 -0.36 -35.93 15.95
C ASN A 54 -1.84 -36.16 16.14
N HIS A 55 -2.45 -36.82 15.16
CA HIS A 55 -3.83 -37.17 15.24
C HIS A 55 -4.70 -35.99 14.90
N LYS A 56 -4.12 -34.81 14.76
CA LYS A 56 -4.93 -33.62 14.53
C LYS A 56 -4.53 -32.92 13.20
N GLY A 57 -3.26 -32.66 13.01
CA GLY A 57 -2.78 -32.20 11.71
C GLY A 57 -2.08 -30.84 11.89
N HIS A 58 -2.43 -29.90 11.03
CA HIS A 58 -1.56 -28.72 10.89
C HIS A 58 -2.32 -27.43 11.01
N LEU A 59 -1.70 -26.51 11.70
CA LEU A 59 -2.29 -25.22 11.89
C LEU A 59 -1.26 -24.14 11.60
N LEU A 60 -1.59 -23.29 10.63
CA LEU A 60 -0.72 -22.19 10.25
C LEU A 60 -0.91 -21.11 11.31
N GLN A 61 0.19 -20.69 11.95
CA GLN A 61 0.09 -19.79 13.12
C GLN A 61 0.55 -18.38 12.78
N GLN A 62 1.57 -18.29 11.94
CA GLN A 62 2.20 -17.04 11.60
C GLN A 62 2.88 -17.13 10.28
N LEU A 63 2.69 -16.13 9.41
CA LEU A 63 3.49 -16.07 8.16
C LEU A 63 4.78 -15.28 8.32
N PRO A 64 5.79 -15.61 7.54
CA PRO A 64 7.04 -14.85 7.40
C PRO A 64 6.89 -13.52 6.56
N ASP A 65 8.00 -12.84 6.27
CA ASP A 65 7.93 -11.49 5.69
C ASP A 65 8.05 -11.61 4.21
N ILE A 66 7.15 -12.41 3.65
CA ILE A 66 7.19 -12.77 2.24
C ILE A 66 5.74 -12.76 1.73
N TRP A 67 5.49 -12.26 0.53
CA TRP A 67 4.16 -12.36 -0.05
C TRP A 67 3.94 -13.72 -0.75
N TYR A 68 2.79 -14.32 -0.53
CA TYR A 68 2.45 -15.62 -1.12
C TYR A 68 1.16 -15.55 -1.92
N GLN A 69 1.28 -15.92 -3.20
CA GLN A 69 0.17 -15.84 -4.12
C GLN A 69 -1.06 -16.56 -3.56
N GLY A 70 -0.81 -17.68 -2.89
CA GLY A 70 -1.85 -18.58 -2.50
C GLY A 70 -2.68 -17.93 -1.41
N ILE A 71 -2.01 -17.20 -0.51
CA ILE A 71 -2.73 -16.48 0.54
C ILE A 71 -3.43 -15.24 -0.06
N ILE A 72 -2.74 -14.47 -0.90
CA ILE A 72 -3.46 -13.33 -1.35
C ILE A 72 -4.66 -13.69 -2.28
N ASP A 73 -4.67 -14.88 -2.92
CA ASP A 73 -5.90 -15.33 -3.65
C ASP A 73 -7.13 -15.38 -2.74
N GLN A 74 -6.95 -15.68 -1.46
CA GLN A 74 -8.05 -15.53 -0.50
C GLN A 74 -8.56 -14.10 -0.37
N TYR A 75 -7.62 -13.15 -0.44
CA TYR A 75 -7.99 -11.75 -0.24
C TYR A 75 -8.89 -11.32 -1.40
N THR A 76 -8.51 -11.76 -2.59
CA THR A 76 -9.18 -11.36 -3.81
C THR A 76 -10.57 -12.02 -3.97
N LYS A 77 -10.69 -13.26 -3.50
CA LYS A 77 -11.98 -13.97 -3.53
C LYS A 77 -13.01 -13.35 -2.64
N SER A 78 -12.59 -12.96 -1.44
CA SER A 78 -13.57 -12.42 -0.54
C SER A 78 -13.90 -11.01 -0.99
N SER A 79 -13.00 -10.41 -1.74
CA SER A 79 -13.15 -8.99 -2.08
C SER A 79 -14.15 -8.69 -3.23
N ALA A 80 -15.03 -7.73 -2.99
CA ALA A 80 -15.97 -7.30 -4.01
C ALA A 80 -15.34 -6.28 -4.97
N LEU A 81 -14.22 -5.73 -4.61
CA LEU A 81 -13.64 -4.72 -5.43
C LEU A 81 -12.56 -5.30 -6.37
N PHE A 82 -11.75 -6.22 -5.89
CA PHE A 82 -10.62 -6.71 -6.66
C PHE A 82 -10.85 -8.07 -7.32
N ASP A 83 -10.77 -8.04 -8.64
CA ASP A 83 -10.82 -9.24 -9.49
C ASP A 83 -9.64 -10.18 -9.23
N PHE A 84 -8.44 -9.70 -8.96
CA PHE A 84 -7.29 -10.59 -8.76
C PHE A 84 -6.05 -9.78 -8.44
N SER A 85 -4.98 -10.49 -8.15
CA SER A 85 -3.73 -9.86 -7.78
C SER A 85 -2.62 -10.59 -8.47
N GLU A 86 -1.49 -9.92 -8.63
CA GLU A 86 -0.27 -10.58 -9.04
C GLU A 86 0.79 -10.35 -7.95
N VAL A 87 1.40 -11.43 -7.47
CA VAL A 87 2.42 -11.41 -6.44
C VAL A 87 3.82 -11.84 -6.93
N TYR A 88 4.86 -11.05 -6.66
CA TYR A 88 6.20 -11.26 -7.18
C TYR A 88 7.21 -11.19 -6.05
N ASP A 89 8.35 -11.87 -6.21
CA ASP A 89 9.37 -11.82 -5.17
C ASP A 89 10.16 -10.55 -5.42
N SER A 90 10.60 -10.38 -6.68
CA SER A 90 11.39 -9.24 -7.13
C SER A 90 10.96 -8.92 -8.54
N ILE A 91 10.97 -7.64 -8.90
CA ILE A 91 10.36 -7.13 -10.16
C ILE A 91 10.96 -5.73 -10.37
N ASP A 92 11.00 -5.23 -11.62
CA ASP A 92 11.48 -3.84 -11.81
C ASP A 92 10.63 -2.77 -11.01
N SER A 93 9.28 -2.91 -11.06
CA SER A 93 8.33 -1.99 -10.46
C SER A 93 6.90 -2.53 -10.54
N THR A 94 6.23 -2.56 -9.38
CA THR A 94 4.77 -2.84 -9.37
C THR A 94 3.96 -1.93 -10.29
N GLN A 95 4.38 -0.66 -10.38
CA GLN A 95 3.71 0.33 -11.19
C GLN A 95 3.82 0.06 -12.72
N LEU A 96 5.00 -0.28 -13.15
CA LEU A 96 5.25 -0.66 -14.54
C LEU A 96 4.42 -1.91 -14.89
N ALA A 97 4.44 -2.89 -13.99
CA ALA A 97 3.71 -4.07 -14.16
C ALA A 97 2.20 -3.77 -14.27
N ALA A 98 1.66 -2.97 -13.36
CA ALA A 98 0.22 -2.66 -13.49
C ALA A 98 -0.09 -1.95 -14.79
N LYS A 99 0.71 -0.98 -15.16
CA LYS A 99 0.43 -0.27 -16.42
C LYS A 99 0.38 -1.23 -17.60
N LYS A 100 1.13 -2.33 -17.55
CA LYS A 100 1.09 -3.34 -18.62
C LYS A 100 -0.13 -4.32 -18.51
N SER A 101 -0.44 -4.76 -17.33
CA SER A 101 -1.61 -5.56 -17.14
C SER A 101 -2.99 -4.94 -17.31
N LEU A 102 -3.12 -3.60 -17.30
CA LEU A 102 -4.44 -3.00 -17.31
C LEU A 102 -4.82 -2.90 -18.76
N VAL A 103 -3.86 -2.96 -19.69
CA VAL A 103 -4.14 -2.77 -21.11
C VAL A 103 -5.07 -3.84 -21.72
N GLY A 104 -6.17 -3.41 -22.34
CA GLY A 104 -7.07 -4.32 -22.99
C GLY A 104 -8.08 -5.05 -22.13
N ASN A 105 -8.18 -4.72 -20.84
CA ASN A 105 -9.25 -5.30 -20.04
C ASN A 105 -9.81 -4.19 -19.15
N GLN A 106 -10.81 -4.54 -18.35
CA GLN A 106 -11.47 -3.61 -17.45
C GLN A 106 -11.42 -4.14 -16.04
N SER A 107 -10.41 -4.98 -15.76
CA SER A 107 -10.28 -5.59 -14.42
C SER A 107 -9.70 -4.62 -13.39
N SER A 108 -10.11 -4.82 -12.14
CA SER A 108 -9.51 -4.13 -11.02
C SER A 108 -8.70 -5.14 -10.29
N PHE A 109 -7.45 -4.79 -9.96
CA PHE A 109 -6.49 -5.74 -9.38
C PHE A 109 -5.44 -4.95 -8.60
N PHE A 110 -4.60 -5.60 -7.83
CA PHE A 110 -3.38 -4.96 -7.42
C PHE A 110 -2.23 -5.90 -7.65
N ILE A 111 -1.04 -5.36 -7.52
CA ILE A 111 0.20 -6.09 -7.68
C ILE A 111 1.11 -5.84 -6.50
N LEU A 112 1.65 -6.91 -5.94
CA LEU A 112 2.64 -6.80 -4.89
C LEU A 112 3.98 -7.48 -5.29
N SER A 113 5.08 -6.97 -4.76
CA SER A 113 6.42 -7.52 -4.98
C SER A 113 7.23 -7.26 -3.72
N ASP A 114 7.96 -8.28 -3.28
CA ASP A 114 8.77 -8.17 -2.06
C ASP A 114 9.86 -7.13 -2.20
N GLU A 115 10.35 -6.92 -3.42
CA GLU A 115 11.43 -6.03 -3.67
C GLU A 115 11.20 -5.43 -5.06
N GLN A 116 11.56 -4.16 -5.22
CA GLN A 116 11.53 -3.55 -6.55
C GLN A 116 12.94 -3.17 -6.85
N THR A 117 13.33 -3.28 -8.11
CA THR A 117 14.72 -3.07 -8.43
C THR A 117 14.79 -1.77 -9.19
N LYS A 118 13.62 -1.23 -9.55
CA LYS A 118 13.58 0.04 -10.25
C LYS A 118 12.34 0.86 -9.80
N GLY A 119 12.19 0.93 -8.49
CA GLY A 119 11.14 1.72 -7.87
C GLY A 119 11.25 3.20 -8.14
N ARG A 120 10.17 3.79 -8.57
CA ARG A 120 10.11 5.21 -8.88
C ARG A 120 9.05 5.99 -8.05
N GLY A 121 9.39 7.15 -7.50
CA GLY A 121 8.36 8.02 -6.94
C GLY A 121 7.98 9.02 -8.01
N ARG A 122 7.86 10.27 -7.63
CA ARG A 122 7.50 11.39 -8.58
C ARG A 122 8.72 11.95 -9.35
N PHE A 123 8.46 12.53 -10.51
CA PHE A 123 9.52 13.14 -11.33
C PHE A 123 10.66 12.18 -11.55
N ASN A 124 10.35 10.90 -11.57
CA ASN A 124 11.35 9.94 -11.76
C ASN A 124 12.43 9.88 -10.66
N ARG A 125 12.17 10.33 -9.43
CA ARG A 125 13.11 10.03 -8.35
C ARG A 125 13.13 8.54 -8.00
N HIS A 126 14.21 8.08 -7.36
CA HIS A 126 14.31 6.70 -6.92
C HIS A 126 13.42 6.48 -5.67
N TRP A 127 12.79 5.31 -5.55
CA TRP A 127 12.09 4.90 -4.37
C TRP A 127 12.67 3.58 -3.88
N SER A 128 13.16 3.62 -2.67
CA SER A 128 13.95 2.51 -2.14
C SER A 128 12.95 1.43 -1.78
N SER A 129 13.14 0.23 -2.28
CA SER A 129 12.19 -0.85 -1.89
C SER A 129 12.84 -2.15 -1.49
N SER A 130 13.33 -2.21 -0.27
CA SER A 130 14.05 -3.38 0.18
C SER A 130 13.25 -4.65 0.38
N LYS A 131 13.87 -5.75 -0.03
CA LYS A 131 13.28 -7.08 0.21
C LYS A 131 12.91 -7.23 1.67
N GLY A 132 11.67 -7.66 1.92
CA GLY A 132 11.22 -8.01 3.24
C GLY A 132 10.78 -6.84 4.10
N GLN A 133 10.85 -5.61 3.58
CA GLN A 133 10.76 -4.51 4.50
C GLN A 133 9.65 -3.52 4.32
N GLY A 134 8.95 -3.63 3.21
CA GLY A 134 7.84 -2.73 2.94
C GLY A 134 6.80 -3.37 2.08
N LEU A 135 5.62 -2.80 2.15
CA LEU A 135 4.59 -3.07 1.18
C LEU A 135 4.80 -2.15 -0.06
N TRP A 136 5.13 -2.78 -1.20
CA TRP A 136 5.31 -2.14 -2.49
C TRP A 136 4.25 -2.65 -3.39
N MET A 137 3.25 -1.82 -3.60
CA MET A 137 2.01 -2.23 -4.20
C MET A 137 1.58 -1.25 -5.29
N SER A 138 0.91 -1.77 -6.32
CA SER A 138 0.19 -0.90 -7.22
C SER A 138 -1.24 -1.32 -7.28
N VAL A 139 -2.16 -0.38 -7.24
CA VAL A 139 -3.56 -0.70 -7.36
C VAL A 139 -4.17 -0.09 -8.61
N VAL A 140 -4.88 -0.90 -9.37
CA VAL A 140 -5.64 -0.44 -10.54
C VAL A 140 -7.15 -0.45 -10.29
N LEU A 141 -7.84 0.64 -10.59
CA LEU A 141 -9.29 0.71 -10.37
C LEU A 141 -9.92 1.36 -11.57
N ARG A 142 -11.24 1.30 -11.66
CA ARG A 142 -11.95 1.66 -12.88
C ARG A 142 -13.17 2.57 -12.62
N PRO A 143 -12.94 3.74 -12.05
CA PRO A 143 -14.07 4.62 -11.79
C PRO A 143 -14.63 5.23 -13.07
N ASN A 144 -15.96 5.26 -13.23
CA ASN A 144 -16.53 6.06 -14.33
C ASN A 144 -16.52 7.52 -13.95
N VAL A 145 -15.51 8.26 -14.36
CA VAL A 145 -15.43 9.67 -14.02
C VAL A 145 -14.55 10.37 -15.04
N ALA A 146 -14.71 11.70 -15.08
CA ALA A 146 -13.95 12.59 -15.97
C ALA A 146 -12.48 12.63 -15.52
N PHE A 147 -11.53 12.83 -16.44
CA PHE A 147 -10.09 12.85 -16.08
C PHE A 147 -9.66 13.90 -15.04
N SER A 148 -10.36 15.03 -14.90
CA SER A 148 -10.16 15.99 -13.75
C SER A 148 -10.24 15.40 -12.32
N MET A 149 -11.01 14.32 -12.20
CA MET A 149 -11.29 13.68 -10.93
C MET A 149 -10.10 12.96 -10.32
N ILE A 150 -9.00 12.86 -11.08
CA ILE A 150 -7.80 12.21 -10.57
C ILE A 150 -7.31 12.78 -9.23
N SER A 151 -7.32 14.12 -9.12
CA SER A 151 -6.82 14.81 -7.95
C SER A 151 -7.71 14.52 -6.77
N LYS A 152 -8.99 14.54 -7.00
CA LYS A 152 -9.86 14.25 -5.89
C LYS A 152 -9.59 12.77 -5.43
N PHE A 153 -9.32 11.85 -6.37
CA PHE A 153 -9.07 10.44 -5.97
C PHE A 153 -7.88 10.41 -5.00
N ASN A 154 -6.87 11.13 -5.38
CA ASN A 154 -5.65 11.13 -4.62
C ASN A 154 -5.86 11.67 -3.18
N LEU A 155 -6.90 12.49 -2.97
CA LEU A 155 -7.25 12.97 -1.60
C LEU A 155 -7.93 11.91 -0.74
N PHE A 156 -8.90 11.17 -1.28
CA PHE A 156 -9.57 10.14 -0.48
C PHE A 156 -8.63 9.00 -0.10
N ILE A 157 -7.75 8.62 -1.03
CA ILE A 157 -6.95 7.42 -0.84
C ILE A 157 -5.97 7.71 0.26
N ALA A 158 -5.48 8.97 0.31
CA ALA A 158 -4.59 9.37 1.39
C ALA A 158 -5.22 9.12 2.79
N LEU A 159 -6.49 9.46 2.98
CA LEU A 159 -7.06 9.28 4.31
C LEU A 159 -7.17 7.79 4.59
N GLY A 160 -7.40 7.01 3.56
CA GLY A 160 -7.42 5.56 3.75
C GLY A 160 -6.07 5.01 4.21
N ILE A 161 -5.02 5.35 3.48
CA ILE A 161 -3.69 4.85 3.81
C ILE A 161 -3.26 5.27 5.22
N ARG A 162 -3.48 6.55 5.56
CA ARG A 162 -3.18 7.07 6.89
C ARG A 162 -3.93 6.25 7.95
N ASP A 163 -5.21 5.98 7.74
CA ASP A 163 -5.97 5.22 8.75
C ASP A 163 -5.39 3.83 9.00
N ALA A 164 -4.96 3.16 7.93
CA ALA A 164 -4.45 1.82 8.06
C ALA A 164 -3.14 1.85 8.78
N ILE A 165 -2.26 2.78 8.46
CA ILE A 165 -1.05 2.90 9.23
C ILE A 165 -1.41 3.32 10.69
N GLN A 166 -2.29 4.32 10.90
CA GLN A 166 -2.61 4.77 12.24
C GLN A 166 -2.96 3.59 13.15
N HIS A 167 -3.75 2.64 12.65
CA HIS A 167 -4.19 1.51 13.46
C HIS A 167 -3.00 0.73 14.06
N PHE A 168 -1.81 0.93 13.52
CA PHE A 168 -0.67 0.15 13.96
C PHE A 168 0.46 0.97 14.63
N SER A 169 0.45 2.28 14.55
CA SER A 169 1.50 3.01 15.29
C SER A 169 0.90 3.67 16.52
N GLN A 170 1.70 3.72 17.58
CA GLN A 170 1.24 4.28 18.86
C GLN A 170 1.51 5.77 18.80
N ASP A 171 2.19 6.19 17.75
CA ASP A 171 2.44 7.58 17.51
C ASP A 171 1.57 8.09 16.40
N GLU A 172 1.55 9.40 16.29
CA GLU A 172 0.65 10.06 15.33
C GLU A 172 1.05 9.93 13.86
N VAL A 173 0.07 9.69 13.01
CA VAL A 173 0.33 9.57 11.59
C VAL A 173 -0.33 10.74 10.91
N LYS A 174 0.43 11.49 10.14
CA LYS A 174 -0.08 12.71 9.55
C LYS A 174 0.10 12.55 8.05
N VAL A 175 -0.76 13.17 7.27
CA VAL A 175 -0.58 13.23 5.85
C VAL A 175 0.15 14.50 5.46
N LYS A 176 1.15 14.33 4.60
CA LYS A 176 1.73 15.42 3.88
C LYS A 176 1.29 15.62 2.40
N TRP A 177 0.39 16.56 2.20
CA TRP A 177 -0.21 16.77 0.90
C TRP A 177 0.84 17.03 -0.15
N PRO A 178 0.67 16.42 -1.33
CA PRO A 178 -0.47 15.55 -1.67
C PRO A 178 -0.10 14.07 -1.78
N ASN A 179 1.10 13.66 -1.39
CA ASN A 179 1.57 12.36 -1.78
C ASN A 179 2.39 11.58 -0.76
N ASP A 180 2.43 12.00 0.48
CA ASP A 180 3.27 11.35 1.44
C ASP A 180 2.59 11.24 2.82
N ILE A 181 3.07 10.30 3.62
CA ILE A 181 2.55 10.04 4.94
C ILE A 181 3.70 9.98 5.93
N TYR A 182 3.57 10.72 7.02
CA TYR A 182 4.60 10.84 8.04
C TYR A 182 4.17 10.34 9.44
N ILE A 183 5.17 9.82 10.17
CA ILE A 183 5.08 9.70 11.61
C ILE A 183 6.23 10.53 12.18
N ASP A 184 5.88 11.59 12.92
CA ASP A 184 6.84 12.64 13.31
C ASP A 184 7.55 13.20 12.07
N ASN A 185 8.87 13.15 12.07
CA ASN A 185 9.59 13.67 10.92
C ASN A 185 9.97 12.59 9.96
N GLY A 186 9.37 11.41 10.15
CA GLY A 186 9.70 10.24 9.34
C GLY A 186 8.66 9.95 8.24
N LYS A 187 9.04 10.15 6.99
CA LYS A 187 8.18 9.68 5.90
C LYS A 187 8.02 8.11 5.95
N VAL A 188 6.80 7.61 6.11
CA VAL A 188 6.52 6.21 6.23
C VAL A 188 5.89 5.61 4.94
N CYS A 189 5.08 6.38 4.21
CA CYS A 189 4.64 6.03 2.83
C CYS A 189 4.78 7.17 1.80
N GLY A 190 5.16 6.79 0.58
CA GLY A 190 4.91 7.65 -0.54
C GLY A 190 3.86 7.02 -1.42
N PHE A 191 2.97 7.83 -1.94
CA PHE A 191 2.00 7.24 -2.81
C PHE A 191 1.79 8.13 -3.99
N LEU A 192 1.22 7.58 -5.05
CA LEU A 192 1.24 8.31 -6.29
C LEU A 192 0.10 7.84 -7.17
N THR A 193 -0.70 8.75 -7.69
CA THR A 193 -1.79 8.28 -8.49
C THR A 193 -1.73 8.75 -9.92
N GLU A 194 -2.02 7.82 -10.82
CA GLU A 194 -1.81 8.01 -12.25
C GLU A 194 -3.00 7.50 -12.92
N MET A 195 -3.11 7.84 -14.18
CA MET A 195 -4.27 7.42 -14.97
C MET A 195 -3.94 7.21 -16.42
N VAL A 196 -4.81 6.43 -17.05
CA VAL A 196 -4.89 6.38 -18.48
C VAL A 196 -6.26 6.95 -18.77
N ALA A 197 -6.35 7.91 -19.69
CA ALA A 197 -7.65 8.53 -19.96
C ALA A 197 -7.67 9.24 -21.28
N ASN A 198 -8.83 9.65 -21.73
CA ASN A 198 -8.97 10.54 -22.87
C ASN A 198 -10.08 11.55 -22.53
N ASN A 199 -10.58 12.26 -23.54
CA ASN A 199 -11.62 13.27 -23.31
C ASN A 199 -12.94 12.71 -22.73
N ASP A 200 -13.14 11.41 -22.84
CA ASP A 200 -14.44 10.87 -22.63
C ASP A 200 -14.41 10.24 -21.27
N GLY A 201 -13.27 10.28 -20.60
CA GLY A 201 -13.19 9.65 -19.31
C GLY A 201 -11.96 8.85 -19.02
N ILE A 202 -11.85 8.48 -17.75
CA ILE A 202 -10.81 7.61 -17.25
C ILE A 202 -11.00 6.13 -17.64
N GLU A 203 -9.91 5.54 -18.13
CA GLU A 203 -9.87 4.15 -18.52
C GLU A 203 -9.31 3.34 -17.37
N ALA A 204 -8.31 3.86 -16.67
CA ALA A 204 -7.90 3.24 -15.39
C ALA A 204 -7.21 4.22 -14.43
N ILE A 205 -7.37 4.02 -13.15
CA ILE A 205 -6.58 4.75 -12.20
C ILE A 205 -5.56 3.71 -11.72
N ILE A 206 -4.32 4.15 -11.65
CA ILE A 206 -3.24 3.36 -11.13
C ILE A 206 -2.59 4.05 -9.96
N CYS A 207 -2.72 3.47 -8.77
CA CYS A 207 -2.19 4.04 -7.55
C CYS A 207 -0.99 3.28 -7.00
N GLY A 208 0.17 3.93 -7.03
CA GLY A 208 1.39 3.36 -6.47
C GLY A 208 1.60 3.68 -4.97
N ILE A 209 1.62 2.64 -4.14
CA ILE A 209 1.76 2.81 -2.73
C ILE A 209 2.97 2.11 -2.16
N GLY A 210 3.85 2.91 -1.59
CA GLY A 210 5.08 2.47 -0.96
C GLY A 210 5.01 2.72 0.54
N ILE A 211 4.99 1.65 1.33
CA ILE A 211 4.92 1.78 2.80
C ILE A 211 6.03 1.04 3.50
N ASN A 212 6.80 1.77 4.29
CA ASN A 212 7.86 1.17 5.12
C ASN A 212 7.24 0.37 6.26
N LEU A 213 7.53 -0.93 6.32
CA LEU A 213 6.89 -1.77 7.31
C LEU A 213 7.81 -2.04 8.47
N THR A 214 9.00 -2.54 8.22
CA THR A 214 9.69 -3.31 9.20
C THR A 214 11.14 -2.90 9.38
N GLN A 215 11.63 -2.01 8.53
CA GLN A 215 12.98 -1.43 8.65
C GLN A 215 13.37 -0.94 10.03
N GLN A 216 14.63 -1.16 10.37
CA GLN A 216 15.28 -0.55 11.52
C GLN A 216 16.00 0.68 10.98
N LEU A 217 16.24 1.71 11.79
CA LEU A 217 16.89 2.94 11.28
C LEU A 217 18.14 2.56 10.55
N GLU A 218 18.80 1.54 11.05
CA GLU A 218 19.99 0.98 10.46
C GLU A 218 19.82 0.58 8.96
N ASN A 219 18.58 0.33 8.54
CA ASN A 219 18.28 -0.28 7.23
C ASN A 219 18.04 0.70 6.09
N PHE A 220 17.83 1.97 6.39
CA PHE A 220 17.70 2.99 5.37
C PHE A 220 19.05 3.58 4.97
N ASP A 221 19.20 3.93 3.70
CA ASP A 221 20.39 4.63 3.26
C ASP A 221 20.55 6.00 3.93
N GLU A 222 21.80 6.33 4.22
CA GLU A 222 22.18 7.51 4.99
C GLU A 222 21.59 8.81 4.41
N SER A 223 21.46 8.85 3.09
CA SER A 223 20.89 10.01 2.44
C SER A 223 19.46 10.32 2.93
N ILE A 224 18.68 9.30 3.27
CA ILE A 224 17.30 9.49 3.74
C ILE A 224 17.01 9.10 5.21
N ARG A 225 18.02 8.56 5.87
CA ARG A 225 17.83 7.93 7.15
C ARG A 225 17.23 8.88 8.23
N HIS A 226 17.62 10.15 8.24
CA HIS A 226 17.02 11.12 9.22
C HIS A 226 15.59 11.55 8.90
N ARG A 227 15.17 11.33 7.65
CA ARG A 227 13.82 11.70 7.27
C ARG A 227 12.98 10.48 6.85
N ALA A 228 13.35 9.28 7.30
CA ALA A 228 12.56 8.07 6.96
C ALA A 228 12.19 7.27 8.17
N THR A 229 11.02 6.66 8.22
CA THR A 229 10.76 5.76 9.29
C THR A 229 9.94 4.59 8.77
N SER A 230 9.54 3.68 9.66
CA SER A 230 8.91 2.44 9.29
C SER A 230 7.87 2.25 10.31
N ILE A 231 6.81 1.50 9.98
CA ILE A 231 5.75 1.27 10.92
C ILE A 231 6.29 0.57 12.17
N GLN A 232 7.23 -0.37 12.01
CA GLN A 232 7.68 -1.15 13.17
C GLN A 232 8.24 -0.26 14.28
N LEU A 233 8.73 0.92 13.91
CA LEU A 233 9.39 1.78 14.89
C LEU A 233 8.45 2.57 15.76
N HIS A 234 7.16 2.34 15.60
CA HIS A 234 6.13 3.01 16.32
C HIS A 234 5.09 2.01 16.75
N ASP A 235 5.44 0.73 16.76
CA ASP A 235 4.51 -0.32 17.23
C ASP A 235 5.04 -1.13 18.44
N LYS A 236 4.30 -1.08 19.58
CA LYS A 236 4.63 -1.89 20.79
C LYS A 236 4.61 -3.40 20.42
N ASN A 237 3.41 -3.99 20.45
CA ASN A 237 3.19 -5.31 19.93
C ASN A 237 3.93 -5.28 18.53
N LYS A 238 4.29 -6.41 17.95
CA LYS A 238 4.98 -6.37 16.64
C LYS A 238 4.07 -6.56 15.39
N LEU A 239 4.58 -6.14 14.24
CA LEU A 239 3.76 -5.93 13.04
C LEU A 239 3.67 -7.06 11.97
N ASP A 240 2.45 -7.53 11.74
CA ASP A 240 2.22 -8.56 10.75
C ASP A 240 1.80 -8.02 9.39
N ARG A 241 2.55 -8.36 8.36
CA ARG A 241 2.26 -7.75 7.07
C ARG A 241 0.93 -8.18 6.49
N TYR A 242 0.46 -9.41 6.74
CA TYR A 242 -0.85 -9.82 6.21
C TYR A 242 -2.00 -9.08 6.86
N GLN A 243 -1.96 -8.94 8.18
CA GLN A 243 -3.05 -8.29 8.90
C GLN A 243 -3.04 -6.82 8.44
N PHE A 244 -1.84 -6.26 8.38
CA PHE A 244 -1.68 -4.96 7.76
C PHE A 244 -2.28 -4.83 6.37
N LEU A 245 -1.94 -5.76 5.48
CA LEU A 245 -2.46 -5.70 4.12
C LEU A 245 -3.99 -5.73 4.18
N GLU A 246 -4.55 -6.57 5.04
CA GLU A 246 -5.99 -6.71 5.21
C GLU A 246 -6.66 -5.38 5.55
N ARG A 247 -6.14 -4.67 6.56
CA ARG A 247 -6.69 -3.39 6.98
C ARG A 247 -6.54 -2.34 5.86
N LEU A 248 -5.34 -2.28 5.28
CA LEU A 248 -5.09 -1.44 4.12
C LEU A 248 -6.14 -1.61 3.01
N LEU A 249 -6.45 -2.85 2.62
CA LEU A 249 -7.45 -3.07 1.57
C LEU A 249 -8.82 -2.61 1.95
N GLN A 250 -9.25 -2.86 3.17
CA GLN A 250 -10.58 -2.37 3.54
C GLN A 250 -10.65 -0.85 3.54
N GLU A 251 -9.57 -0.21 3.98
CA GLU A 251 -9.54 1.25 4.06
C GLU A 251 -9.58 1.81 2.68
N ILE A 252 -8.97 1.13 1.73
CA ILE A 252 -8.90 1.63 0.40
C ILE A 252 -10.28 1.58 -0.23
N GLU A 253 -10.99 0.48 0.03
CA GLU A 253 -12.35 0.29 -0.49
C GLU A 253 -13.33 1.33 0.13
N LYS A 254 -13.22 1.50 1.43
CA LYS A 254 -14.04 2.46 2.12
C LYS A 254 -13.79 3.83 1.47
N ARG A 255 -12.52 4.21 1.34
CA ARG A 255 -12.22 5.52 0.78
C ARG A 255 -12.57 5.62 -0.69
N TYR A 256 -12.48 4.52 -1.41
CA TYR A 256 -12.80 4.57 -2.80
C TYR A 256 -14.31 4.77 -2.99
N ASN A 257 -15.16 4.11 -2.20
CA ASN A 257 -16.61 4.34 -2.38
C ASN A 257 -17.00 5.71 -1.96
N GLN A 258 -16.34 6.21 -0.93
CA GLN A 258 -16.49 7.62 -0.60
C GLN A 258 -16.16 8.51 -1.79
N PHE A 259 -15.07 8.20 -2.47
CA PHE A 259 -14.64 9.02 -3.60
C PHE A 259 -15.71 9.03 -4.70
N LEU A 260 -16.33 7.87 -4.88
CA LEU A 260 -17.37 7.72 -5.88
C LEU A 260 -18.61 8.47 -5.47
N THR A 261 -18.85 8.59 -4.17
CA THR A 261 -20.16 9.06 -3.73
C THR A 261 -20.25 10.36 -2.90
N LEU A 262 -19.15 11.02 -2.63
CA LEU A 262 -19.17 12.24 -1.83
C LEU A 262 -18.35 13.31 -2.51
N PRO A 263 -18.77 14.57 -2.38
CA PRO A 263 -17.91 15.70 -2.76
C PRO A 263 -16.69 15.80 -1.81
N PHE A 264 -15.59 16.39 -2.28
CA PHE A 264 -14.45 16.56 -1.40
C PHE A 264 -14.76 17.40 -0.14
N SER A 265 -15.67 18.35 -0.24
CA SER A 265 -16.14 19.05 0.97
C SER A 265 -16.48 18.11 2.14
N GLU A 266 -17.07 16.95 1.90
CA GLU A 266 -17.42 16.08 3.03
C GLU A 266 -16.25 15.55 3.88
N ILE A 267 -15.04 15.37 3.31
CA ILE A 267 -13.87 14.87 4.07
C ILE A 267 -12.78 15.94 4.28
N ARG A 268 -12.95 17.10 3.68
CA ARG A 268 -12.00 18.18 3.78
C ARG A 268 -11.51 18.46 5.23
N GLU A 269 -12.44 18.67 6.14
CA GLU A 269 -12.05 19.03 7.49
C GLU A 269 -11.19 17.90 8.10
N GLU A 270 -11.65 16.67 7.92
CA GLU A 270 -10.92 15.50 8.42
C GLU A 270 -9.49 15.50 7.88
N TYR A 271 -9.38 15.94 6.63
CA TYR A 271 -8.12 15.98 5.90
C TYR A 271 -7.18 17.06 6.42
N ASN A 272 -7.71 18.26 6.68
CA ASN A 272 -6.94 19.33 7.32
C ASN A 272 -6.40 18.86 8.66
N ALA A 273 -7.29 18.29 9.47
CA ALA A 273 -6.97 17.83 10.82
C ALA A 273 -5.87 16.75 10.79
N ALA A 274 -5.78 16.00 9.69
CA ALA A 274 -4.83 14.89 9.55
C ALA A 274 -3.50 15.33 8.94
N SER A 275 -3.40 16.60 8.57
CA SER A 275 -2.32 17.06 7.75
C SER A 275 -1.24 17.72 8.63
N ASN A 276 0.01 17.61 8.23
CA ASN A 276 1.15 18.19 8.94
C ASN A 276 1.88 19.31 8.18
N ILE A 277 1.16 20.01 7.30
CA ILE A 277 1.73 21.13 6.58
C ILE A 277 1.45 22.56 7.12
N TRP A 278 0.64 22.69 8.17
CA TRP A 278 0.24 24.02 8.66
C TRP A 278 1.25 24.66 9.62
N ASN A 279 1.16 25.98 9.75
CA ASN A 279 1.87 26.68 10.82
C ASN A 279 3.35 26.38 10.74
N ARG A 280 3.89 26.43 9.54
CA ARG A 280 5.28 26.08 9.38
C ARG A 280 5.67 26.41 7.97
N THR A 281 6.95 26.44 7.75
CA THR A 281 7.54 26.97 6.55
C THR A 281 7.92 25.89 5.56
N LEU A 282 7.41 26.01 4.34
CA LEU A 282 7.59 24.98 3.32
C LEU A 282 8.40 25.41 2.08
N LEU A 283 9.05 24.43 1.46
CA LEU A 283 9.79 24.63 0.24
C LEU A 283 9.11 24.04 -0.96
N PHE A 284 8.79 24.87 -1.93
CA PHE A 284 8.07 24.46 -3.13
C PHE A 284 9.04 24.41 -4.27
N THR A 285 8.90 23.42 -5.15
CA THR A 285 9.74 23.35 -6.30
C THR A 285 8.84 23.31 -7.50
N GLU A 286 9.13 24.12 -8.53
CA GLU A 286 8.33 24.01 -9.75
C GLU A 286 9.22 24.16 -10.97
N ASN A 287 9.70 23.05 -11.54
CA ASN A 287 10.46 23.07 -12.77
C ASN A 287 11.64 23.99 -12.86
N ASP A 288 12.26 24.44 -11.77
CA ASP A 288 13.16 25.63 -11.91
C ASP A 288 13.16 26.54 -10.72
N LYS A 289 11.98 27.11 -10.58
CA LYS A 289 11.68 28.18 -9.65
C LYS A 289 11.63 27.44 -8.34
N GLN A 290 11.67 28.15 -7.24
CA GLN A 290 11.75 27.50 -5.96
C GLN A 290 11.46 28.55 -4.96
N PHE A 291 10.55 28.32 -4.04
CA PHE A 291 10.15 29.38 -3.16
C PHE A 291 9.65 28.86 -1.83
N LYS A 292 9.76 29.68 -0.79
CA LYS A 292 9.24 29.33 0.51
C LYS A 292 7.80 29.84 0.53
N GLY A 293 6.98 29.39 1.49
CA GLY A 293 5.57 29.64 1.53
C GLY A 293 4.98 29.02 2.79
N GLN A 294 3.81 29.54 3.21
CA GLN A 294 2.99 28.96 4.25
C GLN A 294 1.78 28.33 3.55
N ALA A 295 1.41 27.12 3.99
CA ALA A 295 0.10 26.59 3.67
C ALA A 295 -0.95 27.33 4.48
N ILE A 296 -1.89 27.97 3.79
CA ILE A 296 -3.01 28.65 4.44
C ILE A 296 -4.30 27.86 4.57
N ASP A 297 -4.63 27.04 3.57
CA ASP A 297 -5.93 26.41 3.55
C ASP A 297 -6.03 25.36 2.43
N LEU A 298 -7.05 24.51 2.51
CA LEU A 298 -7.39 23.56 1.46
C LEU A 298 -8.80 23.90 0.98
N ASP A 299 -8.98 24.30 -0.26
CA ASP A 299 -10.28 24.82 -0.65
C ASP A 299 -11.24 23.64 -0.93
N TYR A 300 -12.53 23.96 -1.08
CA TYR A 300 -13.62 22.99 -1.23
C TYR A 300 -13.31 21.98 -2.38
N ASP A 301 -12.43 22.35 -3.29
CA ASP A 301 -12.10 21.47 -4.40
C ASP A 301 -10.72 20.80 -4.36
N GLY A 302 -10.06 20.71 -3.20
CA GLY A 302 -8.76 20.06 -3.12
C GLY A 302 -7.47 20.83 -3.50
N TYR A 303 -7.61 22.12 -3.83
CA TYR A 303 -6.48 23.03 -3.99
C TYR A 303 -5.87 23.51 -2.68
N LEU A 304 -4.54 23.46 -2.62
CA LEU A 304 -3.85 24.10 -1.52
C LEU A 304 -3.75 25.63 -1.80
N ILE A 305 -4.21 26.41 -0.85
CA ILE A 305 -4.03 27.89 -0.83
C ILE A 305 -2.71 28.22 -0.14
N VAL A 306 -1.77 28.79 -0.88
CA VAL A 306 -0.44 29.02 -0.34
C VAL A 306 -0.13 30.50 -0.22
N ARG A 307 0.21 30.91 0.98
CA ARG A 307 0.70 32.26 1.20
C ARG A 307 2.22 32.19 0.96
N ASP A 308 2.55 32.40 -0.28
CA ASP A 308 3.90 32.66 -0.73
C ASP A 308 4.67 33.59 0.21
N GLU A 309 5.90 33.91 -0.13
CA GLU A 309 6.82 34.46 0.83
C GLU A 309 7.06 35.95 0.56
N ALA A 310 6.80 36.25 -0.69
CA ALA A 310 6.77 37.57 -1.18
C ALA A 310 5.32 38.10 -0.97
N GLY A 311 4.47 37.35 -0.25
CA GLY A 311 3.09 37.72 0.00
C GLY A 311 2.08 37.41 -1.09
N GLU A 312 2.51 36.93 -2.25
CA GLU A 312 1.54 36.52 -3.27
C GLU A 312 0.85 35.22 -2.91
N SER A 313 -0.45 35.13 -3.10
CA SER A 313 -1.18 33.89 -2.84
C SER A 313 -1.27 32.91 -4.05
N HIS A 314 -1.37 31.61 -3.80
CA HIS A 314 -1.46 30.67 -4.93
C HIS A 314 -2.46 29.57 -4.67
N ARG A 315 -2.94 28.97 -5.74
CA ARG A 315 -3.98 27.97 -5.67
C ARG A 315 -3.43 26.74 -6.38
N LEU A 316 -3.05 25.70 -5.65
CA LEU A 316 -2.29 24.62 -6.32
C LEU A 316 -3.04 23.30 -6.30
N ILE A 317 -3.16 22.65 -7.46
CA ILE A 317 -3.91 21.40 -7.39
C ILE A 317 -2.91 20.31 -6.96
N SER A 318 -1.65 20.62 -7.16
CA SER A 318 -0.57 19.74 -6.76
C SER A 318 0.64 20.60 -6.53
N ALA A 319 1.71 20.01 -5.99
CA ALA A 319 2.98 20.71 -5.66
C ALA A 319 4.02 19.71 -5.27
N ASP A 320 5.30 20.06 -5.23
CA ASP A 320 6.11 19.25 -4.36
C ASP A 320 6.93 20.04 -3.40
N ILE A 321 6.86 19.55 -2.16
CA ILE A 321 7.08 20.27 -0.93
C ILE A 321 8.05 19.50 -0.09
N ASP A 322 9.05 20.19 0.47
CA ASP A 322 9.90 19.67 1.56
C ASP A 322 9.82 20.55 2.78
N PHE A 323 10.14 19.98 3.92
CA PHE A 323 9.97 20.65 5.18
C PHE A 323 11.22 21.42 5.56
CBB BT5 B . 6.39 9.40 -4.24
OBB BT5 B . 7.76 9.58 -4.04
CAB BT5 B . 5.79 8.17 -3.89
C9B BT5 B . 6.33 7.03 -4.51
C8B BT5 B . 5.60 5.75 -4.70
C7B BT5 B . 6.38 4.41 -4.40
C2B BT5 B . 5.60 3.19 -4.58
S1B BT5 B . 6.34 1.74 -4.31
C6B BT5 B . 5.14 0.88 -5.11
C5B BT5 B . 4.95 1.63 -6.47
N1B BT5 B . 5.81 1.27 -7.51
C3B BT5 B . 6.96 2.20 -7.44
O3B BT5 B . 7.72 2.20 -8.47
N2B BT5 B . 6.31 3.52 -7.09
C4B BT5 B . 5.31 3.16 -6.16
P BT5 B . 8.55 10.87 -4.15
OP1 BT5 B . 8.04 11.78 -3.13
OP2 BT5 B . 8.59 11.33 -5.52
O5' BT5 B . 10.01 10.42 -3.79
C5' BT5 B . 10.30 9.81 -2.60
C4' BT5 B . 11.54 10.39 -1.99
O4' BT5 B . 11.59 10.12 -0.57
C3' BT5 B . 12.94 10.08 -2.54
O3' BT5 B . 13.38 11.02 -3.50
C2' BT5 B . 13.80 10.12 -1.28
O2' BT5 B . 14.05 11.48 -0.92
C1' BT5 B . 12.83 9.58 -0.25
N9 BT5 B . 12.70 8.12 -0.29
C8 BT5 B . 13.02 7.21 -1.21
N7 BT5 B . 12.64 6.00 -0.73
C5 BT5 B . 12.03 6.16 0.45
C6 BT5 B . 11.45 5.36 1.44
N6 BT5 B . 11.36 3.94 1.37
N1 BT5 B . 11.02 5.95 2.55
C2 BT5 B . 11.12 7.26 2.73
N3 BT5 B . 11.66 8.04 1.83
C4 BT5 B . 12.10 7.52 0.71
#